data_3HUR
#
_entry.id   3HUR
#
_cell.length_a   118.499
_cell.length_b   130.549
_cell.length_c   189.441
_cell.angle_alpha   90.000
_cell.angle_beta   90.000
_cell.angle_gamma   90.000
#
_symmetry.space_group_name_H-M   'F 2 2 2'
#
loop_
_entity.id
_entity.type
_entity.pdbx_description
1 polymer 'Alanine racemase'
2 non-polymer 'SULFATE ION'
3 water water
#
_entity_poly.entity_id   1
_entity_poly.type   'polypeptide(L)'
_entity_poly.pdbx_seq_one_letter_code
;MSLTAIHRPTWVSVDLDAAAHNLQEIREWTKAKKVYAVLKADGYGLGAIPLAKAFQETASADALIVSNLDEALELRQADL
TLPIWVLGAWDYSDLKLFIDHDIVITIPSLAWLQNLPDFEGTLKVSLAIDTGMTRIGFDKADEISAAKKIIDKNPQLDLF
SVYTHFATADEAGEKSKAYFEEQLRRWQELTINQGFDPSLFSMANSATCIWHHDDPRISFAAIRPGQLISGVNVSNGELK
MPPNLHLERIFSVCSEIADVRFVKKDQSLSYGASERMPEDGYVATLPFGYNDGWLRRMQKSSVIINGKRMPIIGRITMDQ
TMVKLDRKYPIGTRVTLIGKDGGEQITVEEVANYSHTIVDEIQTTLAPRIKRIYTGDLAEVIGANYGEGHHHHHH
;
_entity_poly.pdbx_strand_id   A
#
loop_
_chem_comp.id
_chem_comp.type
_chem_comp.name
_chem_comp.formula
SO4 non-polymer 'SULFATE ION' 'O4 S -2'
#
# COMPACT_ATOMS: atom_id res chain seq x y z
N LEU A 3 30.16 25.27 -8.25
CA LEU A 3 29.29 24.76 -9.35
C LEU A 3 28.64 23.46 -8.87
N THR A 4 27.34 23.27 -9.07
CA THR A 4 26.70 22.08 -8.48
C THR A 4 26.07 21.10 -9.49
N ALA A 5 26.24 19.82 -9.22
CA ALA A 5 25.80 18.76 -10.11
C ALA A 5 24.58 18.07 -9.49
N ILE A 6 23.50 17.98 -10.27
CA ILE A 6 22.28 17.40 -9.81
C ILE A 6 22.16 16.08 -10.56
N HIS A 7 22.43 14.99 -9.86
CA HIS A 7 22.30 13.70 -10.46
C HIS A 7 20.97 13.02 -10.07
N ARG A 8 20.18 13.70 -9.24
CA ARG A 8 18.85 13.21 -8.77
C ARG A 8 17.80 14.35 -8.83
N PRO A 9 17.36 14.70 -10.03
CA PRO A 9 16.56 15.89 -10.28
C PRO A 9 15.13 15.74 -9.87
N THR A 10 14.67 14.48 -9.83
CA THR A 10 13.35 14.24 -9.36
C THR A 10 13.38 13.00 -8.49
N TRP A 11 12.40 12.85 -7.60
CA TRP A 11 12.30 11.68 -6.76
C TRP A 11 10.91 11.60 -6.08
N VAL A 12 10.58 10.42 -5.54
CA VAL A 12 9.35 10.20 -4.75
C VAL A 12 9.77 10.18 -3.34
N SER A 13 9.20 11.09 -2.56
CA SER A 13 9.53 11.28 -1.18
C SER A 13 8.45 10.58 -0.36
N VAL A 14 8.86 9.69 0.52
CA VAL A 14 7.99 8.82 1.28
C VAL A 14 8.20 9.06 2.80
N ASP A 15 7.21 9.59 3.46
CA ASP A 15 7.32 9.90 4.88
C ASP A 15 6.86 8.71 5.74
N LEU A 16 7.80 8.05 6.37
CA LEU A 16 7.50 6.78 7.03
C LEU A 16 6.76 6.98 8.30
N ASP A 17 6.89 8.18 8.89
CA ASP A 17 6.12 8.52 10.09
C ASP A 17 4.64 8.52 9.75
N ALA A 18 4.30 9.09 8.60
CA ALA A 18 2.93 9.18 8.16
C ALA A 18 2.39 7.81 7.85
N ALA A 19 3.22 6.92 7.31
CA ALA A 19 2.73 5.56 7.10
C ALA A 19 2.38 4.89 8.46
N ALA A 20 3.19 5.16 9.48
CA ALA A 20 3.01 4.55 10.77
C ALA A 20 1.70 5.06 11.32
N HIS A 21 1.59 6.38 11.27
CA HIS A 21 0.44 7.08 11.70
C HIS A 21 -0.83 6.52 11.07
N ASN A 22 -0.79 6.21 9.78
CA ASN A 22 -1.96 5.60 9.14
C ASN A 22 -2.33 4.25 9.75
N LEU A 23 -1.35 3.43 10.11
CA LEU A 23 -1.66 2.14 10.74
C LEU A 23 -2.27 2.38 12.11
N GLN A 24 -1.68 3.30 12.86
CA GLN A 24 -2.23 3.74 14.13
C GLN A 24 -3.71 4.25 14.03
N GLU A 25 -4.04 5.08 13.04
CA GLU A 25 -5.40 5.63 12.90
C GLU A 25 -6.40 4.57 12.67
N ILE A 26 -6.07 3.68 11.75
CA ILE A 26 -7.04 2.71 11.32
C ILE A 26 -7.22 1.61 12.40
N ARG A 27 -6.25 1.50 13.30
CA ARG A 27 -6.37 0.65 14.49
C ARG A 27 -7.48 1.24 15.40
N GLU A 28 -7.39 2.54 15.66
CA GLU A 28 -8.33 3.21 16.52
C GLU A 28 -9.69 3.30 15.89
N TRP A 29 -9.76 3.33 14.57
CA TRP A 29 -11.00 3.53 13.85
C TRP A 29 -11.83 2.27 13.91
N THR A 30 -11.15 1.13 14.02
CA THR A 30 -11.80 -0.16 13.95
C THR A 30 -11.72 -0.90 15.31
N LYS A 31 -11.13 -0.23 16.31
CA LYS A 31 -10.81 -0.87 17.58
C LYS A 31 -10.20 -2.25 17.38
N ALA A 32 -9.09 -2.30 16.66
CA ALA A 32 -8.52 -3.58 16.28
C ALA A 32 -7.50 -4.01 17.29
N LYS A 33 -7.30 -5.32 17.41
CA LYS A 33 -6.36 -5.85 18.40
C LYS A 33 -5.03 -6.04 17.72
N LYS A 34 -5.04 -6.84 16.67
CA LYS A 34 -3.89 -7.08 15.85
C LYS A 34 -4.00 -6.28 14.54
N VAL A 35 -2.88 -5.77 14.03
CA VAL A 35 -2.82 -5.16 12.68
C VAL A 35 -1.77 -5.88 11.87
N TYR A 36 -2.20 -6.48 10.75
CA TYR A 36 -1.37 -7.12 9.75
C TYR A 36 -1.23 -6.19 8.54
N ALA A 37 -0.02 -5.67 8.33
CA ALA A 37 0.24 -4.67 7.27
C ALA A 37 0.45 -5.41 5.99
N VAL A 38 -0.39 -5.12 4.99
CA VAL A 38 -0.27 -5.78 3.71
C VAL A 38 0.65 -4.91 2.84
N LEU A 39 1.70 -5.53 2.32
CA LEU A 39 2.69 -4.88 1.54
C LEU A 39 2.85 -5.62 0.23
N LYS A 40 2.00 -5.38 -0.73
CA LYS A 40 2.17 -6.05 -2.01
C LYS A 40 2.88 -5.10 -2.96
N ALA A 41 3.55 -5.67 -3.96
CA ALA A 41 4.17 -4.86 -5.01
C ALA A 41 5.19 -3.88 -4.42
N ASP A 42 6.10 -4.42 -3.61
CA ASP A 42 7.12 -3.63 -2.96
C ASP A 42 6.55 -2.45 -2.25
N GLY A 43 5.60 -2.74 -1.36
CA GLY A 43 5.03 -1.69 -0.52
C GLY A 43 4.24 -0.73 -1.34
N TYR A 44 3.52 -1.28 -2.28
CA TYR A 44 2.68 -0.48 -3.19
C TYR A 44 3.55 0.45 -3.92
N GLY A 45 4.66 -0.06 -4.41
CA GLY A 45 5.64 0.75 -5.09
C GLY A 45 6.30 1.85 -4.29
N LEU A 46 6.24 1.77 -2.96
CA LEU A 46 6.86 2.76 -2.09
C LEU A 46 8.00 2.19 -1.26
N GLY A 47 8.09 0.86 -1.18
CA GLY A 47 9.24 0.21 -0.59
C GLY A 47 8.85 -0.66 0.59
N ALA A 48 8.86 -1.96 0.41
CA ALA A 48 8.32 -2.83 1.44
C ALA A 48 9.24 -2.88 2.67
N ILE A 49 10.52 -2.95 2.44
CA ILE A 49 11.47 -3.05 3.53
C ILE A 49 11.43 -1.86 4.48
N PRO A 50 11.67 -0.62 3.98
CA PRO A 50 11.57 0.56 4.82
C PRO A 50 10.21 0.70 5.50
N LEU A 51 9.14 0.43 4.77
CA LEU A 51 7.80 0.43 5.37
C LEU A 51 7.72 -0.64 6.53
N ALA A 52 8.11 -1.87 6.24
CA ALA A 52 8.14 -2.91 7.26
C ALA A 52 9.00 -2.55 8.48
N LYS A 53 10.22 -2.08 8.27
CA LYS A 53 11.05 -1.65 9.38
C LYS A 53 10.37 -0.55 10.18
N ALA A 54 9.80 0.44 9.51
CA ALA A 54 9.07 1.48 10.22
C ALA A 54 7.92 0.86 11.07
N PHE A 55 7.25 -0.16 10.56
CA PHE A 55 6.15 -0.70 11.33
C PHE A 55 6.63 -1.54 12.52
N GLN A 56 7.79 -2.21 12.39
CA GLN A 56 8.37 -3.06 13.48
C GLN A 56 8.85 -2.19 14.64
N GLU A 57 9.42 -1.04 14.33
CA GLU A 57 10.06 -0.22 15.31
C GLU A 57 9.04 0.53 16.12
N THR A 58 7.92 0.85 15.49
CA THR A 58 6.87 1.60 16.16
C THR A 58 5.81 0.67 16.72
N ALA A 59 5.93 -0.62 16.44
CA ALA A 59 4.99 -1.62 16.95
C ALA A 59 3.57 -1.39 16.39
N SER A 60 3.49 -0.72 15.24
CA SER A 60 2.23 -0.31 14.69
C SER A 60 1.62 -1.38 13.83
N ALA A 61 2.39 -2.42 13.56
CA ALA A 61 1.90 -3.67 12.92
C ALA A 61 2.40 -4.92 13.68
N ASP A 62 1.58 -5.96 13.78
CA ASP A 62 1.92 -7.20 14.47
C ASP A 62 2.30 -8.34 13.52
N ALA A 63 1.97 -8.18 12.25
CA ALA A 63 2.53 -9.04 11.20
C ALA A 63 2.60 -8.30 9.86
N LEU A 64 3.19 -8.96 8.90
CA LEU A 64 3.34 -8.41 7.58
C LEU A 64 2.83 -9.44 6.61
N ILE A 65 2.06 -9.01 5.61
CA ILE A 65 1.58 -9.92 4.54
C ILE A 65 2.18 -9.46 3.19
N VAL A 66 2.69 -10.41 2.43
CA VAL A 66 3.32 -10.16 1.14
C VAL A 66 2.85 -11.24 0.15
N SER A 67 3.19 -11.04 -1.14
CA SER A 67 2.63 -11.85 -2.27
C SER A 67 3.53 -12.96 -2.80
N ASN A 68 4.78 -12.95 -2.39
CA ASN A 68 5.77 -13.86 -2.93
C ASN A 68 6.71 -14.30 -1.80
N LEU A 69 7.00 -15.58 -1.78
CA LEU A 69 7.99 -16.11 -0.89
C LEU A 69 9.28 -15.26 -0.92
N ASP A 70 9.80 -15.00 -2.11
CA ASP A 70 11.08 -14.32 -2.21
C ASP A 70 11.05 -12.95 -1.51
N GLU A 71 9.94 -12.21 -1.53
CA GLU A 71 9.82 -11.03 -0.66
C GLU A 71 9.88 -11.31 0.85
N ALA A 72 9.34 -12.45 1.28
CA ALA A 72 9.43 -12.87 2.71
C ALA A 72 10.89 -13.05 3.08
N LEU A 73 11.59 -13.83 2.27
CA LEU A 73 13.03 -14.10 2.47
C LEU A 73 13.88 -12.83 2.52
N GLU A 74 13.62 -11.87 1.62
CA GLU A 74 14.31 -10.61 1.65
C GLU A 74 14.03 -9.80 2.89
N LEU A 75 12.78 -9.73 3.28
CA LEU A 75 12.43 -9.07 4.51
C LEU A 75 13.23 -9.72 5.68
N ARG A 76 13.36 -11.04 5.66
CA ARG A 76 14.07 -11.74 6.76
C ARG A 76 15.53 -11.34 6.78
N GLN A 77 16.16 -11.38 5.60
CA GLN A 77 17.48 -10.83 5.41
C GLN A 77 17.64 -9.42 5.93
N ALA A 78 16.60 -8.59 5.83
CA ALA A 78 16.72 -7.19 6.29
C ALA A 78 16.46 -7.02 7.77
N ASP A 79 16.38 -8.16 8.49
CA ASP A 79 16.25 -8.24 9.96
C ASP A 79 14.88 -7.89 10.47
N LEU A 80 13.87 -8.07 9.63
CA LEU A 80 12.50 -8.01 10.12
C LEU A 80 12.18 -9.30 10.85
N THR A 81 11.61 -9.17 12.05
CA THR A 81 11.39 -10.32 12.92
C THR A 81 9.92 -10.64 13.13
N LEU A 82 9.05 -9.70 12.80
CA LEU A 82 7.62 -9.94 12.88
C LEU A 82 7.27 -11.14 12.07
N PRO A 83 6.16 -11.80 12.43
CA PRO A 83 5.74 -12.91 11.55
C PRO A 83 5.30 -12.38 10.17
N ILE A 84 5.50 -13.20 9.14
CA ILE A 84 5.24 -12.84 7.77
C ILE A 84 4.44 -13.92 7.15
N TRP A 85 3.51 -13.52 6.31
CA TRP A 85 2.54 -14.42 5.75
C TRP A 85 2.57 -14.18 4.27
N VAL A 86 2.90 -15.21 3.53
CA VAL A 86 2.99 -15.14 2.09
C VAL A 86 1.71 -15.69 1.48
N LEU A 87 1.14 -15.00 0.49
CA LEU A 87 -0.27 -15.19 0.19
C LEU A 87 -0.66 -16.35 -0.71
N GLY A 88 0.20 -16.71 -1.66
CA GLY A 88 -0.20 -17.70 -2.65
C GLY A 88 0.81 -18.82 -2.77
N ALA A 89 1.51 -19.09 -1.69
CA ALA A 89 2.54 -20.08 -1.72
C ALA A 89 2.22 -21.19 -0.68
N TRP A 90 2.29 -22.43 -1.13
CA TRP A 90 2.01 -23.56 -0.27
C TRP A 90 2.58 -24.86 -0.82
N ASP A 91 3.66 -24.80 -1.58
CA ASP A 91 4.30 -26.01 -2.11
C ASP A 91 4.86 -26.82 -0.97
N TYR A 92 4.57 -28.10 -0.97
CA TYR A 92 5.07 -29.00 0.05
C TYR A 92 6.58 -29.00 0.11
N SER A 93 7.20 -28.71 -1.03
CA SER A 93 8.65 -28.62 -1.13
C SER A 93 9.22 -27.39 -0.42
N ASP A 94 8.43 -26.36 -0.16
CA ASP A 94 8.93 -25.17 0.56
C ASP A 94 8.68 -25.24 2.06
N LEU A 95 8.12 -26.35 2.51
CA LEU A 95 7.77 -26.53 3.93
C LEU A 95 8.88 -26.13 4.88
N LYS A 96 10.10 -26.53 4.54
CA LYS A 96 11.27 -26.23 5.36
C LYS A 96 11.52 -24.75 5.38
N LEU A 97 11.36 -24.09 4.24
CA LEU A 97 11.63 -22.66 4.21
C LEU A 97 10.64 -21.94 5.09
N PHE A 98 9.36 -22.25 4.90
CA PHE A 98 8.30 -21.63 5.72
C PHE A 98 8.56 -21.78 7.19
N ILE A 99 8.89 -22.99 7.64
CA ILE A 99 9.07 -23.22 9.09
C ILE A 99 10.30 -22.50 9.61
N ASP A 100 11.42 -22.64 8.92
CA ASP A 100 12.67 -22.08 9.43
C ASP A 100 12.67 -20.57 9.51
N HIS A 101 11.89 -19.93 8.63
CA HIS A 101 11.86 -18.47 8.56
C HIS A 101 10.58 -17.85 9.15
N ASP A 102 9.78 -18.69 9.83
CA ASP A 102 8.57 -18.26 10.54
C ASP A 102 7.61 -17.54 9.60
N ILE A 103 7.26 -18.23 8.52
CA ILE A 103 6.37 -17.69 7.53
C ILE A 103 5.05 -18.40 7.60
N VAL A 104 3.98 -17.62 7.72
CA VAL A 104 2.64 -18.16 7.70
C VAL A 104 2.24 -18.44 6.28
N ILE A 105 1.57 -19.55 6.03
CA ILE A 105 1.04 -19.87 4.70
C ILE A 105 -0.48 -20.12 4.75
N THR A 106 -1.12 -20.00 3.59
CA THR A 106 -2.55 -20.20 3.45
C THR A 106 -2.84 -21.68 3.19
N ILE A 107 -3.91 -22.18 3.79
CA ILE A 107 -4.37 -23.50 3.51
C ILE A 107 -5.34 -23.36 2.35
N PRO A 108 -5.05 -24.00 1.23
CA PRO A 108 -5.81 -23.73 0.04
C PRO A 108 -7.01 -24.63 -0.18
N SER A 109 -6.96 -25.83 0.42
CA SER A 109 -7.96 -26.90 0.17
C SER A 109 -7.85 -28.01 1.21
N LEU A 110 -8.96 -28.71 1.47
CA LEU A 110 -8.94 -29.90 2.35
C LEU A 110 -7.96 -30.97 1.87
N ALA A 111 -7.94 -31.22 0.57
CA ALA A 111 -6.97 -32.19 0.03
C ALA A 111 -5.51 -31.90 0.50
N TRP A 112 -5.13 -30.63 0.39
CA TRP A 112 -3.79 -30.16 0.75
C TRP A 112 -3.43 -30.51 2.19
N LEU A 113 -4.38 -30.33 3.10
CA LEU A 113 -4.21 -30.64 4.55
C LEU A 113 -4.12 -32.13 4.81
N GLN A 114 -4.95 -32.89 4.13
CA GLN A 114 -4.98 -34.35 4.32
C GLN A 114 -3.68 -34.95 3.86
N ASN A 115 -3.13 -34.44 2.76
CA ASN A 115 -1.89 -34.98 2.17
C ASN A 115 -0.61 -34.28 2.65
N LEU A 116 -0.74 -33.35 3.59
CA LEU A 116 0.45 -32.80 4.25
C LEU A 116 1.43 -33.91 4.52
N PRO A 117 2.68 -33.76 4.07
CA PRO A 117 3.65 -34.76 4.48
C PRO A 117 4.15 -34.53 5.89
N ASP A 118 5.06 -35.38 6.34
CA ASP A 118 5.63 -35.24 7.66
C ASP A 118 6.70 -34.15 7.64
N PHE A 119 6.82 -33.41 8.74
CA PHE A 119 7.86 -32.36 8.88
C PHE A 119 8.19 -32.05 10.32
N GLU A 120 9.34 -31.43 10.54
CA GLU A 120 9.74 -30.95 11.88
C GLU A 120 9.34 -29.47 12.15
N GLY A 121 9.09 -29.16 13.42
CA GLY A 121 8.85 -27.79 13.85
C GLY A 121 7.41 -27.39 13.75
N THR A 122 7.13 -26.11 13.95
CA THR A 122 5.77 -25.63 13.89
C THR A 122 5.54 -24.87 12.55
N LEU A 123 4.56 -25.34 11.77
CA LEU A 123 4.08 -24.71 10.56
C LEU A 123 2.86 -23.88 10.89
N LYS A 124 2.95 -22.57 10.62
CA LYS A 124 1.84 -21.66 10.90
C LYS A 124 1.00 -21.50 9.62
N VAL A 125 -0.32 -21.70 9.77
CA VAL A 125 -1.22 -21.86 8.65
C VAL A 125 -2.41 -20.96 8.83
N SER A 126 -3.04 -20.57 7.74
CA SER A 126 -4.21 -19.73 7.76
C SER A 126 -5.27 -20.40 6.95
N LEU A 127 -6.49 -20.31 7.43
CA LEU A 127 -7.58 -21.01 6.82
C LEU A 127 -8.45 -19.98 6.15
N ALA A 128 -8.58 -20.12 4.84
CA ALA A 128 -9.21 -19.10 4.05
C ALA A 128 -10.63 -19.54 3.80
N ILE A 129 -11.57 -18.66 4.11
CA ILE A 129 -12.94 -18.94 3.86
C ILE A 129 -13.42 -18.33 2.55
N ASP A 130 -13.65 -19.16 1.57
CA ASP A 130 -14.26 -18.71 0.32
C ASP A 130 -15.69 -18.31 0.56
N THR A 131 -15.93 -17.03 0.82
CA THR A 131 -17.28 -16.52 0.89
C THR A 131 -17.69 -15.95 -0.45
N GLY A 132 -17.07 -16.39 -1.54
CA GLY A 132 -17.59 -16.01 -2.84
C GLY A 132 -16.64 -15.78 -3.99
N MET A 133 -15.96 -14.65 -3.98
CA MET A 133 -15.34 -14.13 -5.23
C MET A 133 -13.90 -14.65 -5.45
N THR A 134 -13.65 -15.94 -5.25
CA THR A 134 -12.28 -16.43 -5.25
C THR A 134 -12.31 -17.92 -5.36
N ARG A 135 -11.16 -18.52 -5.67
CA ARG A 135 -11.08 -19.98 -5.79
C ARG A 135 -10.17 -20.59 -4.73
N ILE A 136 -9.67 -19.76 -3.83
CA ILE A 136 -8.74 -20.19 -2.82
C ILE A 136 -9.51 -20.54 -1.55
N GLY A 137 -9.24 -21.72 -1.00
CA GLY A 137 -9.80 -22.09 0.31
C GLY A 137 -11.19 -22.73 0.32
N PHE A 138 -11.86 -22.60 1.45
CA PHE A 138 -12.96 -23.49 1.82
C PHE A 138 -14.33 -22.85 1.69
N ASP A 139 -15.23 -23.48 0.94
CA ASP A 139 -16.61 -22.97 0.74
C ASP A 139 -17.73 -23.91 1.26
N LYS A 140 -17.36 -24.94 2.01
CA LYS A 140 -18.32 -25.91 2.54
C LYS A 140 -18.12 -26.10 4.03
N ALA A 141 -19.23 -26.11 4.77
CA ALA A 141 -19.18 -26.13 6.23
C ALA A 141 -18.59 -27.42 6.76
N ASP A 142 -18.85 -28.54 6.07
CA ASP A 142 -18.35 -29.84 6.52
C ASP A 142 -16.82 -29.98 6.30
N GLU A 143 -16.33 -29.47 5.17
CA GLU A 143 -14.89 -29.45 4.88
C GLU A 143 -14.09 -28.60 5.89
N ILE A 144 -14.70 -27.51 6.36
CA ILE A 144 -14.04 -26.65 7.33
C ILE A 144 -13.86 -27.41 8.63
N SER A 145 -14.93 -28.06 9.12
CA SER A 145 -14.78 -28.86 10.35
C SER A 145 -13.91 -30.09 10.13
N ALA A 146 -13.93 -30.70 8.95
CA ALA A 146 -12.94 -31.76 8.69
C ALA A 146 -11.56 -31.17 8.89
N ALA A 147 -11.35 -29.97 8.37
CA ALA A 147 -10.04 -29.34 8.39
C ALA A 147 -9.62 -28.95 9.80
N LYS A 148 -10.58 -28.44 10.59
CA LYS A 148 -10.29 -28.03 12.00
C LYS A 148 -9.87 -29.21 12.85
N LYS A 149 -10.45 -30.39 12.54
CA LYS A 149 -10.05 -31.66 13.14
C LYS A 149 -8.62 -31.99 12.85
N ILE A 150 -8.19 -31.89 11.58
CA ILE A 150 -6.83 -32.27 11.21
C ILE A 150 -5.83 -31.34 11.83
N ILE A 151 -6.18 -30.05 11.90
CA ILE A 151 -5.33 -29.05 12.55
C ILE A 151 -5.21 -29.26 14.03
N ASP A 152 -6.35 -29.33 14.71
CA ASP A 152 -6.38 -29.58 16.18
C ASP A 152 -5.58 -30.83 16.55
N LYS A 153 -5.87 -31.93 15.87
CA LYS A 153 -5.14 -33.17 16.12
C LYS A 153 -3.62 -33.01 15.95
N ASN A 154 -3.17 -32.14 15.04
CA ASN A 154 -1.75 -31.94 14.80
C ASN A 154 -1.21 -30.68 15.49
N PRO A 155 -0.37 -30.88 16.51
CA PRO A 155 0.12 -29.76 17.31
C PRO A 155 1.32 -29.05 16.64
N GLN A 156 1.89 -29.65 15.61
CA GLN A 156 2.85 -28.94 14.77
C GLN A 156 2.17 -27.87 13.85
N LEU A 157 0.85 -27.95 13.63
CA LEU A 157 0.12 -26.90 12.90
C LEU A 157 -0.35 -25.83 13.86
N ASP A 158 -0.05 -24.58 13.57
CA ASP A 158 -0.46 -23.51 14.41
C ASP A 158 -1.36 -22.62 13.59
N LEU A 159 -2.64 -22.59 13.92
CA LEU A 159 -3.60 -21.81 13.20
C LEU A 159 -3.39 -20.33 13.51
N PHE A 160 -3.00 -19.57 12.49
CA PHE A 160 -2.63 -18.18 12.64
C PHE A 160 -3.84 -17.33 12.45
N SER A 161 -4.71 -17.73 11.55
CA SER A 161 -5.90 -16.93 11.20
C SER A 161 -6.91 -17.79 10.52
N VAL A 162 -8.18 -17.44 10.70
CA VAL A 162 -9.26 -17.93 9.86
C VAL A 162 -9.81 -16.67 9.28
N TYR A 163 -9.85 -16.59 7.94
CA TYR A 163 -9.97 -15.30 7.30
C TYR A 163 -10.72 -15.31 5.98
N THR A 164 -11.22 -14.12 5.62
CA THR A 164 -11.87 -13.87 4.34
C THR A 164 -11.73 -12.39 4.00
N HIS A 165 -12.23 -11.96 2.87
CA HIS A 165 -12.43 -10.50 2.67
C HIS A 165 -13.54 -10.29 1.70
N PHE A 166 -14.04 -9.06 1.73
CA PHE A 166 -15.20 -8.64 0.98
C PHE A 166 -14.78 -7.92 -0.28
N ALA A 167 -15.17 -8.44 -1.44
CA ALA A 167 -14.87 -7.84 -2.71
C ALA A 167 -15.52 -6.49 -2.97
N THR A 168 -16.68 -6.22 -2.39
CA THR A 168 -17.39 -5.05 -2.83
C THR A 168 -17.50 -3.98 -1.76
N ALA A 169 -16.63 -4.06 -0.77
CA ALA A 169 -16.58 -3.01 0.24
C ALA A 169 -16.11 -1.67 -0.36
N ASP A 170 -15.27 -1.70 -1.41
CA ASP A 170 -14.74 -0.49 -2.08
C ASP A 170 -15.56 0.00 -3.29
N GLU A 171 -16.65 -0.72 -3.60
CA GLU A 171 -17.61 -0.30 -4.61
C GLU A 171 -18.82 0.37 -3.95
N ALA A 172 -19.49 1.24 -4.69
CA ALA A 172 -20.72 1.95 -4.24
C ALA A 172 -21.98 1.36 -4.87
N GLY A 173 -23.11 1.45 -4.16
CA GLY A 173 -24.42 1.11 -4.77
C GLY A 173 -25.28 0.09 -4.03
N GLU A 174 -26.23 -0.48 -4.78
CA GLU A 174 -27.24 -1.37 -4.23
C GLU A 174 -26.89 -2.82 -4.57
N LYS A 175 -26.46 -3.06 -5.82
CA LYS A 175 -26.09 -4.41 -6.24
C LYS A 175 -24.86 -4.87 -5.43
N SER A 176 -24.12 -3.89 -4.92
CA SER A 176 -22.89 -4.10 -4.16
C SER A 176 -23.10 -4.23 -2.64
N LYS A 177 -24.04 -3.46 -2.09
CA LYS A 177 -24.49 -3.63 -0.70
C LYS A 177 -25.04 -5.04 -0.52
N ALA A 178 -25.67 -5.60 -1.55
CA ALA A 178 -26.28 -6.94 -1.45
C ALA A 178 -25.27 -8.06 -1.61
N TYR A 179 -24.23 -7.83 -2.41
CA TYR A 179 -23.14 -8.80 -2.50
C TYR A 179 -22.36 -8.83 -1.18
N PHE A 180 -22.17 -7.65 -0.62
CA PHE A 180 -21.63 -7.58 0.70
C PHE A 180 -22.45 -8.45 1.65
N GLU A 181 -23.77 -8.32 1.65
CA GLU A 181 -24.59 -9.09 2.60
C GLU A 181 -24.45 -10.56 2.31
N GLU A 182 -24.46 -10.92 1.03
CA GLU A 182 -24.36 -12.31 0.65
C GLU A 182 -23.07 -12.92 1.18
N GLN A 183 -21.96 -12.20 1.01
CA GLN A 183 -20.67 -12.68 1.50
C GLN A 183 -20.68 -12.83 3.03
N LEU A 184 -21.22 -11.85 3.73
CA LEU A 184 -21.33 -11.93 5.18
C LEU A 184 -22.23 -13.11 5.62
N ARG A 185 -23.27 -13.40 4.85
CA ARG A 185 -24.09 -14.59 5.14
C ARG A 185 -23.19 -15.83 5.05
N ARG A 186 -22.50 -15.99 3.93
CA ARG A 186 -21.63 -17.15 3.75
C ARG A 186 -20.57 -17.29 4.85
N TRP A 187 -19.93 -16.18 5.23
CA TRP A 187 -18.95 -16.22 6.31
C TRP A 187 -19.55 -16.89 7.55
N GLN A 188 -20.69 -16.36 7.98
CA GLN A 188 -21.43 -16.88 9.13
C GLN A 188 -21.90 -18.32 8.92
N GLU A 189 -22.53 -18.62 7.80
CA GLU A 189 -22.91 -20.01 7.54
C GLU A 189 -21.72 -20.93 7.66
N LEU A 190 -20.57 -20.45 7.22
CA LEU A 190 -19.39 -21.27 7.14
C LEU A 190 -18.57 -21.33 8.42
N THR A 191 -18.73 -20.35 9.31
CA THR A 191 -17.93 -20.27 10.54
C THR A 191 -18.64 -20.42 11.91
N ILE A 192 -19.94 -20.05 12.00
CA ILE A 192 -20.65 -20.15 13.29
C ILE A 192 -20.77 -21.64 13.67
N ASN A 193 -20.66 -21.95 14.96
CA ASN A 193 -20.77 -23.36 15.44
C ASN A 193 -19.59 -24.27 15.03
N GLN A 194 -18.57 -23.69 14.39
CA GLN A 194 -17.33 -24.46 14.10
C GLN A 194 -16.43 -24.56 15.32
N GLY A 195 -16.59 -23.66 16.27
CA GLY A 195 -15.81 -23.69 17.49
C GLY A 195 -14.46 -22.98 17.44
N PHE A 196 -14.27 -22.10 16.45
CA PHE A 196 -12.97 -21.44 16.28
C PHE A 196 -12.77 -20.43 17.38
N ASP A 197 -11.59 -20.45 18.00
CA ASP A 197 -11.20 -19.34 18.87
C ASP A 197 -11.38 -18.05 18.08
N PRO A 198 -12.31 -17.20 18.50
CA PRO A 198 -12.67 -16.01 17.75
C PRO A 198 -11.58 -14.95 17.62
N SER A 199 -10.57 -15.01 18.45
CA SER A 199 -9.47 -14.07 18.30
C SER A 199 -8.62 -14.38 17.03
N LEU A 200 -8.88 -15.50 16.35
CA LEU A 200 -8.23 -15.83 15.11
C LEU A 200 -8.93 -15.25 13.84
N PHE A 201 -10.07 -14.59 14.01
CA PHE A 201 -10.83 -14.17 12.86
C PHE A 201 -10.22 -12.94 12.22
N SER A 202 -10.08 -12.94 10.91
CA SER A 202 -9.67 -11.75 10.21
C SER A 202 -10.57 -11.54 9.05
N MET A 203 -11.26 -10.41 9.06
CA MET A 203 -12.30 -10.16 8.09
C MET A 203 -12.05 -8.94 7.21
N ALA A 204 -11.32 -7.93 7.72
CA ALA A 204 -11.33 -6.57 7.15
C ALA A 204 -10.12 -6.21 6.30
N ASN A 205 -10.34 -6.06 4.99
CA ASN A 205 -9.37 -5.40 4.08
C ASN A 205 -9.51 -3.91 4.27
N SER A 206 -8.87 -3.12 3.40
CA SER A 206 -8.79 -1.67 3.60
C SER A 206 -10.16 -1.05 3.58
N ALA A 207 -10.95 -1.48 2.62
CA ALA A 207 -12.24 -0.89 2.35
C ALA A 207 -13.23 -1.24 3.51
N THR A 208 -13.18 -2.50 3.94
CA THR A 208 -13.92 -2.93 5.07
C THR A 208 -13.54 -2.10 6.26
N CYS A 209 -12.24 -1.89 6.47
CA CYS A 209 -11.83 -1.07 7.62
C CYS A 209 -12.38 0.35 7.52
N ILE A 210 -12.35 0.93 6.34
CA ILE A 210 -12.68 2.36 6.23
C ILE A 210 -14.19 2.58 6.39
N TRP A 211 -14.99 2.00 5.48
CA TRP A 211 -16.42 2.27 5.39
C TRP A 211 -17.39 1.31 6.15
N HIS A 212 -16.89 0.36 6.93
CA HIS A 212 -17.75 -0.52 7.70
C HIS A 212 -17.24 -0.70 9.13
N HIS A 213 -16.59 0.31 9.68
CA HIS A 213 -16.05 0.15 11.04
C HIS A 213 -17.12 0.09 12.15
N ASP A 214 -18.36 0.44 11.84
CA ASP A 214 -19.39 0.47 12.88
C ASP A 214 -20.33 -0.70 12.79
N ASP A 215 -20.15 -1.56 11.81
CA ASP A 215 -20.93 -2.76 11.71
C ASP A 215 -20.38 -3.83 12.67
N PRO A 216 -21.12 -4.13 13.75
CA PRO A 216 -20.69 -5.12 14.76
C PRO A 216 -20.56 -6.53 14.22
N ARG A 217 -21.13 -6.79 13.04
CA ARG A 217 -21.08 -8.11 12.46
C ARG A 217 -19.70 -8.43 11.88
N ILE A 218 -18.89 -7.38 11.67
CA ILE A 218 -17.54 -7.55 11.16
C ILE A 218 -16.61 -7.64 12.35
N SER A 219 -15.81 -8.69 12.40
CA SER A 219 -14.73 -8.76 13.40
C SER A 219 -13.49 -7.97 12.96
N PHE A 220 -13.03 -7.09 13.83
CA PHE A 220 -11.81 -6.37 13.62
C PHE A 220 -10.71 -6.94 14.48
N ALA A 221 -10.88 -8.19 14.85
CA ALA A 221 -9.89 -8.85 15.68
C ALA A 221 -8.48 -8.61 15.08
N ALA A 222 -8.30 -9.02 13.82
CA ALA A 222 -7.08 -8.77 13.04
C ALA A 222 -7.45 -8.17 11.70
N ILE A 223 -7.15 -6.87 11.58
CA ILE A 223 -7.32 -6.15 10.34
C ILE A 223 -6.08 -6.26 9.43
N ARG A 224 -6.32 -6.10 8.12
CA ARG A 224 -5.33 -6.31 7.06
C ARG A 224 -5.22 -5.12 6.13
N PRO A 225 -4.84 -3.96 6.64
CA PRO A 225 -4.74 -2.78 5.78
C PRO A 225 -3.60 -2.88 4.77
N GLY A 226 -3.95 -2.70 3.50
CA GLY A 226 -2.97 -2.72 2.39
C GLY A 226 -2.91 -1.36 1.72
N GLN A 227 -3.65 -1.18 0.65
CA GLN A 227 -3.54 0.01 -0.15
C GLN A 227 -3.72 1.29 0.62
N LEU A 228 -4.45 1.23 1.71
CA LEU A 228 -4.75 2.44 2.44
C LEU A 228 -3.54 2.94 3.20
N ILE A 229 -2.51 2.10 3.30
CA ILE A 229 -1.31 2.51 4.01
C ILE A 229 -0.70 3.76 3.39
N SER A 230 -0.79 3.87 2.07
CA SER A 230 -0.17 4.99 1.36
C SER A 230 -0.96 6.26 1.49
N GLY A 231 -2.19 6.15 1.98
CA GLY A 231 -3.03 7.33 2.19
C GLY A 231 -3.93 7.66 1.00
N VAL A 232 -3.94 6.82 -0.01
CA VAL A 232 -4.82 7.07 -1.13
C VAL A 232 -6.24 6.61 -0.80
N ASN A 233 -7.19 7.06 -1.63
CA ASN A 233 -8.56 6.57 -1.64
C ASN A 233 -8.70 5.26 -2.36
N VAL A 234 -8.85 4.18 -1.60
CA VAL A 234 -9.06 2.82 -2.17
C VAL A 234 -10.28 2.57 -3.13
N SER A 235 -11.29 3.44 -3.10
CA SER A 235 -12.53 3.26 -3.88
C SER A 235 -12.48 3.75 -5.34
N ASN A 236 -11.31 4.26 -5.76
CA ASN A 236 -11.11 4.99 -7.03
C ASN A 236 -12.24 5.92 -7.46
N GLY A 237 -12.48 6.96 -6.66
CA GLY A 237 -13.53 7.93 -6.97
C GLY A 237 -14.91 7.65 -6.36
N GLU A 238 -15.32 6.38 -6.36
CA GLU A 238 -16.68 5.98 -5.95
C GLU A 238 -17.19 6.47 -4.59
N LEU A 239 -16.41 6.35 -3.53
CA LEU A 239 -16.86 6.74 -2.19
C LEU A 239 -15.99 7.83 -1.62
N LYS A 240 -16.51 8.59 -0.66
CA LYS A 240 -15.77 9.69 -0.07
C LYS A 240 -15.18 9.21 1.24
N MET A 241 -13.96 9.62 1.57
CA MET A 241 -13.34 9.15 2.80
C MET A 241 -14.13 9.69 4.00
N PRO A 242 -14.30 8.89 5.06
CA PRO A 242 -14.97 9.48 6.19
C PRO A 242 -14.21 10.67 6.76
N PRO A 243 -14.88 11.83 6.91
CA PRO A 243 -14.22 13.03 7.43
C PRO A 243 -13.48 12.83 8.76
N ASN A 244 -13.99 11.94 9.62
CA ASN A 244 -13.37 11.73 10.95
C ASN A 244 -12.12 10.89 10.93
N LEU A 245 -11.89 10.14 9.85
CA LEU A 245 -10.69 9.34 9.72
C LEU A 245 -9.67 10.20 9.01
N HIS A 246 -8.48 10.33 9.60
CA HIS A 246 -7.49 11.24 9.02
C HIS A 246 -6.28 10.51 8.53
N LEU A 247 -6.46 9.81 7.42
CA LEU A 247 -5.34 9.16 6.78
C LEU A 247 -4.49 10.24 6.12
N GLU A 248 -3.18 10.15 6.29
CA GLU A 248 -2.24 11.08 5.61
C GLU A 248 -1.76 10.47 4.29
N ARG A 249 -1.74 11.24 3.21
CA ARG A 249 -1.02 10.84 1.97
C ARG A 249 0.48 10.84 2.30
N ILE A 250 1.16 9.72 2.11
CA ILE A 250 2.52 9.59 2.60
C ILE A 250 3.59 9.94 1.58
N PHE A 251 3.22 10.05 0.33
CA PHE A 251 4.22 10.20 -0.73
C PHE A 251 4.02 11.53 -1.44
N SER A 252 5.09 12.01 -2.06
CA SER A 252 5.11 13.20 -2.90
C SER A 252 6.09 12.92 -4.03
N VAL A 253 5.87 13.59 -5.16
CA VAL A 253 6.87 13.63 -6.20
C VAL A 253 7.50 15.02 -6.04
N CYS A 254 8.83 15.04 -5.98
CA CYS A 254 9.56 16.24 -5.75
C CYS A 254 10.61 16.44 -6.81
N SER A 255 11.07 17.69 -6.87
CA SER A 255 12.20 18.05 -7.66
C SER A 255 12.93 19.19 -6.92
N GLU A 256 13.78 19.92 -7.65
CA GLU A 256 14.54 21.02 -7.06
C GLU A 256 14.84 22.08 -8.10
N ILE A 257 15.15 23.29 -7.66
CA ILE A 257 15.46 24.39 -8.56
C ILE A 257 16.87 24.14 -9.12
N ALA A 258 16.98 24.06 -10.46
CA ALA A 258 18.25 23.89 -11.18
C ALA A 258 18.84 25.21 -11.70
N ASP A 259 17.99 26.23 -11.84
CA ASP A 259 18.43 27.52 -12.35
C ASP A 259 17.47 28.62 -11.89
N VAL A 260 18.03 29.74 -11.44
CA VAL A 260 17.26 30.97 -11.14
C VAL A 260 17.78 32.16 -11.98
N ARG A 261 16.85 32.83 -12.64
CA ARG A 261 17.12 33.98 -13.51
C ARG A 261 16.24 35.17 -13.07
N PHE A 262 16.86 36.35 -12.91
CA PHE A 262 16.11 37.61 -12.84
C PHE A 262 15.64 37.92 -14.25
N VAL A 263 14.34 37.90 -14.46
CA VAL A 263 13.74 38.24 -15.73
C VAL A 263 12.89 39.50 -15.54
N LYS A 264 13.01 40.45 -16.46
CA LYS A 264 12.47 41.80 -16.23
C LYS A 264 11.07 41.98 -16.82
N LYS A 265 10.30 42.86 -16.16
CA LYS A 265 8.87 43.14 -16.41
C LYS A 265 8.19 42.78 -17.76
N ASP A 266 8.85 42.91 -18.93
CA ASP A 266 8.19 42.55 -20.20
C ASP A 266 8.91 41.45 -21.01
N GLN A 267 10.14 41.09 -20.60
CA GLN A 267 10.98 40.12 -21.34
C GLN A 267 10.18 38.85 -21.74
N SER A 268 10.60 38.27 -22.86
CA SER A 268 10.12 36.99 -23.33
C SER A 268 10.61 35.84 -22.38
N LEU A 269 9.72 34.91 -22.06
CA LEU A 269 10.02 33.83 -21.10
C LEU A 269 10.86 32.69 -21.74
N SER A 270 10.56 32.35 -22.99
CA SER A 270 11.37 31.38 -23.70
C SER A 270 11.32 31.57 -25.19
N TYR A 271 12.29 30.99 -25.87
CA TYR A 271 12.35 31.02 -27.33
C TYR A 271 11.06 30.46 -27.94
N GLY A 272 10.48 31.23 -28.83
CA GLY A 272 9.23 30.87 -29.50
C GLY A 272 7.96 31.10 -28.70
N ALA A 273 8.05 31.77 -27.56
CA ALA A 273 6.99 31.73 -26.56
C ALA A 273 5.93 32.80 -26.76
N SER A 274 4.68 32.34 -26.63
CA SER A 274 3.48 33.18 -26.57
C SER A 274 3.54 34.22 -25.45
N GLU A 275 3.96 33.77 -24.24
CA GLU A 275 3.81 34.55 -22.97
C GLU A 275 5.02 35.44 -22.60
N ARG A 276 4.76 36.65 -22.11
CA ARG A 276 5.81 37.52 -21.53
C ARG A 276 5.61 37.57 -19.99
N MET A 277 6.56 38.10 -19.23
CA MET A 277 6.48 37.99 -17.76
C MET A 277 5.91 39.23 -17.07
N PRO A 278 4.99 39.05 -16.07
CA PRO A 278 4.20 40.21 -15.66
C PRO A 278 4.99 41.30 -14.90
N GLU A 279 5.97 40.92 -14.09
CA GLU A 279 6.68 41.89 -13.28
C GLU A 279 8.15 41.55 -13.12
N ASP A 280 8.97 42.57 -12.94
CA ASP A 280 10.32 42.37 -12.43
C ASP A 280 10.23 41.30 -11.31
N GLY A 281 11.17 40.35 -11.31
CA GLY A 281 11.21 39.26 -10.33
C GLY A 281 11.85 37.95 -10.82
N TYR A 282 12.11 37.05 -9.89
CA TYR A 282 12.85 35.85 -10.18
C TYR A 282 12.02 34.69 -10.75
N VAL A 283 12.66 33.93 -11.64
CA VAL A 283 12.08 32.71 -12.24
C VAL A 283 13.00 31.49 -12.14
N ALA A 284 12.44 30.42 -11.59
CA ALA A 284 13.17 29.15 -11.42
C ALA A 284 12.82 28.18 -12.56
N THR A 285 13.86 27.49 -13.03
CA THR A 285 13.76 26.36 -13.96
C THR A 285 13.90 25.02 -13.20
N LEU A 286 12.94 24.13 -13.36
CA LEU A 286 12.90 22.87 -12.63
C LEU A 286 13.21 21.78 -13.65
N PRO A 287 13.98 20.78 -13.26
CA PRO A 287 14.44 19.86 -14.25
C PRO A 287 13.46 18.70 -14.48
N PHE A 288 12.20 19.04 -14.75
CA PHE A 288 11.30 18.09 -15.34
C PHE A 288 10.45 18.70 -16.43
N GLY A 289 9.96 17.82 -17.29
CA GLY A 289 8.99 18.21 -18.31
C GLY A 289 8.33 17.02 -18.92
N TYR A 290 7.92 17.13 -20.17
CA TYR A 290 7.07 16.10 -20.77
C TYR A 290 7.75 14.79 -21.01
N ASN A 291 9.07 14.70 -20.83
CA ASN A 291 9.78 13.42 -20.84
C ASN A 291 9.31 12.55 -19.72
N ASP A 292 8.74 13.17 -18.69
CA ASP A 292 8.40 12.49 -17.47
C ASP A 292 6.94 12.11 -17.49
N GLY A 293 6.71 10.83 -17.75
CA GLY A 293 5.39 10.31 -17.89
C GLY A 293 4.57 10.52 -16.65
N TRP A 294 5.17 10.48 -15.49
CA TRP A 294 4.44 10.82 -14.30
C TRP A 294 3.86 12.23 -14.32
N LEU A 295 4.35 13.11 -15.20
CA LEU A 295 3.94 14.52 -15.10
C LEU A 295 2.47 14.63 -15.45
N ARG A 296 1.98 13.69 -16.25
CA ARG A 296 0.61 13.80 -16.70
C ARG A 296 -0.42 13.49 -15.63
N ARG A 297 -0.01 13.13 -14.39
CA ARG A 297 -0.96 13.08 -13.30
C ARG A 297 -0.91 14.31 -12.40
N MET A 298 -0.06 15.28 -12.74
CA MET A 298 0.11 16.47 -11.93
C MET A 298 -0.53 17.70 -12.57
N GLN A 299 -1.06 18.59 -11.74
CA GLN A 299 -1.59 19.81 -12.25
C GLN A 299 -0.42 20.65 -12.69
N LYS A 300 -0.59 21.39 -13.76
CA LYS A 300 0.51 22.12 -14.32
C LYS A 300 0.35 23.65 -14.21
N SER A 301 -0.34 24.10 -13.17
CA SER A 301 -0.42 25.54 -12.85
C SER A 301 0.32 25.96 -11.59
N SER A 302 0.72 25.01 -10.74
CA SER A 302 1.36 25.36 -9.48
C SER A 302 2.26 24.30 -8.91
N VAL A 303 3.24 24.71 -8.13
CA VAL A 303 4.05 23.77 -7.37
C VAL A 303 4.18 24.33 -5.97
N ILE A 304 4.66 23.51 -5.03
CA ILE A 304 4.92 23.97 -3.69
C ILE A 304 6.40 24.13 -3.43
N ILE A 305 6.76 25.33 -3.02
CA ILE A 305 8.11 25.63 -2.60
C ILE A 305 8.00 26.35 -1.28
N ASN A 306 8.69 25.82 -0.27
CA ASN A 306 8.74 26.48 1.04
C ASN A 306 7.36 26.60 1.67
N GLY A 307 6.58 25.52 1.62
CA GLY A 307 5.24 25.54 2.16
C GLY A 307 4.26 26.35 1.31
N LYS A 308 4.78 27.17 0.40
CA LYS A 308 3.92 28.04 -0.39
C LYS A 308 3.78 27.55 -1.83
N ARG A 309 2.76 28.09 -2.45
CA ARG A 309 2.29 27.62 -3.69
C ARG A 309 2.58 28.68 -4.79
N MET A 310 3.68 28.50 -5.54
CA MET A 310 4.08 29.47 -6.60
C MET A 310 3.67 28.95 -7.99
N PRO A 311 3.40 29.88 -8.95
CA PRO A 311 2.77 29.46 -10.19
C PRO A 311 3.74 29.03 -11.30
N ILE A 312 3.26 28.15 -12.16
CA ILE A 312 4.05 27.69 -13.26
C ILE A 312 3.75 28.65 -14.37
N ILE A 313 4.77 29.19 -15.02
CA ILE A 313 4.57 30.09 -16.12
C ILE A 313 5.28 29.62 -17.38
N GLY A 314 4.57 29.66 -18.49
CA GLY A 314 5.19 29.61 -19.80
C GLY A 314 5.02 28.25 -20.41
N ARG A 315 5.94 27.92 -21.31
CA ARG A 315 5.95 26.65 -22.04
C ARG A 315 6.78 25.65 -21.21
N ILE A 316 6.22 24.46 -20.96
CA ILE A 316 6.98 23.37 -20.41
C ILE A 316 7.65 22.64 -21.56
N THR A 317 8.93 22.37 -21.45
CA THR A 317 9.61 21.61 -22.52
C THR A 317 9.70 20.12 -22.14
N MET A 318 10.59 19.39 -22.77
CA MET A 318 10.81 18.02 -22.42
C MET A 318 11.45 17.84 -21.01
N ASP A 319 12.22 18.82 -20.56
CA ASP A 319 12.95 18.65 -19.31
C ASP A 319 13.05 19.92 -18.51
N GLN A 320 12.19 20.87 -18.80
CA GLN A 320 12.23 22.16 -18.17
C GLN A 320 10.83 22.64 -17.90
N THR A 321 10.62 23.07 -16.69
CA THR A 321 9.41 23.69 -16.29
C THR A 321 9.83 24.96 -15.55
N MET A 322 9.15 26.08 -15.80
CA MET A 322 9.55 27.35 -15.18
C MET A 322 8.54 27.82 -14.12
N VAL A 323 9.03 28.41 -13.04
CA VAL A 323 8.16 28.94 -11.98
C VAL A 323 8.54 30.35 -11.52
N LYS A 324 7.54 31.22 -11.44
CA LYS A 324 7.72 32.56 -10.86
C LYS A 324 7.78 32.44 -9.36
N LEU A 325 8.89 32.83 -8.77
CA LEU A 325 9.12 32.75 -7.32
C LEU A 325 8.71 34.06 -6.62
N ASP A 326 8.42 33.99 -5.31
CA ASP A 326 7.96 35.19 -4.60
C ASP A 326 9.16 36.02 -4.16
N ARG A 327 10.25 35.37 -3.83
CA ARG A 327 11.53 36.04 -3.61
C ARG A 327 12.56 35.20 -4.33
N LYS A 328 13.84 35.46 -4.10
CA LYS A 328 14.89 34.71 -4.75
C LYS A 328 15.13 33.46 -3.90
N TYR A 329 15.23 32.28 -4.52
CA TYR A 329 15.68 31.09 -3.76
C TYR A 329 16.97 30.55 -4.33
N PRO A 330 17.77 29.89 -3.50
CA PRO A 330 18.99 29.30 -3.98
C PRO A 330 18.77 27.99 -4.74
N ILE A 331 19.69 27.67 -5.65
CA ILE A 331 19.55 26.46 -6.40
C ILE A 331 19.58 25.33 -5.40
N GLY A 332 18.89 24.25 -5.69
CA GLY A 332 18.90 23.10 -4.76
C GLY A 332 17.71 23.11 -3.82
N THR A 333 16.91 24.18 -3.86
CA THR A 333 15.71 24.29 -3.07
C THR A 333 14.65 23.32 -3.54
N ARG A 334 14.07 22.58 -2.59
CA ARG A 334 13.12 21.52 -2.89
C ARG A 334 11.85 22.03 -3.48
N VAL A 335 11.30 21.28 -4.42
CA VAL A 335 9.99 21.59 -5.01
C VAL A 335 9.09 20.36 -4.92
N THR A 336 7.82 20.58 -4.61
CA THR A 336 6.86 19.48 -4.49
C THR A 336 5.75 19.66 -5.52
N LEU A 337 5.45 18.59 -6.24
CA LEU A 337 4.44 18.62 -7.25
C LEU A 337 3.09 18.40 -6.61
N ILE A 338 2.05 18.94 -7.26
CA ILE A 338 0.68 18.82 -6.80
C ILE A 338 -0.10 17.99 -7.80
N GLY A 339 -0.80 16.98 -7.29
CA GLY A 339 -1.58 16.08 -8.12
C GLY A 339 -2.96 16.62 -8.48
N LYS A 340 -3.37 16.39 -9.73
CA LYS A 340 -4.73 16.61 -10.17
C LYS A 340 -5.76 16.06 -9.17
N ASP A 341 -5.43 14.91 -8.57
CA ASP A 341 -6.29 14.17 -7.63
C ASP A 341 -5.44 13.50 -6.52
N GLY A 342 -5.39 14.16 -5.37
CA GLY A 342 -4.57 13.72 -4.21
C GLY A 342 -4.77 12.27 -3.80
N GLY A 343 -6.00 11.78 -3.90
CA GLY A 343 -6.32 10.43 -3.52
C GLY A 343 -6.17 9.38 -4.62
N GLU A 344 -5.59 9.76 -5.77
CA GLU A 344 -5.51 8.86 -6.91
C GLU A 344 -4.66 7.65 -6.58
N GLN A 345 -5.02 6.51 -7.15
CA GLN A 345 -4.27 5.27 -6.89
C GLN A 345 -2.79 5.36 -7.38
N ILE A 346 -1.91 4.61 -6.71
CA ILE A 346 -0.53 4.52 -7.11
C ILE A 346 -0.19 3.13 -7.56
N THR A 347 -1.20 2.25 -7.61
CA THR A 347 -1.02 0.88 -8.14
C THR A 347 -2.18 0.49 -9.01
N VAL A 348 -1.95 -0.46 -9.90
CA VAL A 348 -2.96 -1.07 -10.73
C VAL A 348 -2.81 -2.58 -10.51
N GLU A 349 -3.95 -3.27 -10.46
CA GLU A 349 -4.01 -4.72 -10.35
C GLU A 349 -4.68 -5.39 -11.55
N GLU A 350 -4.15 -6.53 -11.96
CA GLU A 350 -4.60 -7.28 -13.13
C GLU A 350 -4.72 -8.73 -12.64
N VAL A 351 -5.90 -9.35 -12.75
CA VAL A 351 -6.07 -10.78 -12.46
C VAL A 351 -6.55 -11.60 -13.68
N ALA A 352 -6.15 -12.85 -13.76
CA ALA A 352 -6.57 -13.69 -14.86
C ALA A 352 -6.84 -15.04 -14.28
N ASN A 353 -7.90 -15.69 -14.71
CA ASN A 353 -8.22 -17.01 -14.18
C ASN A 353 -8.14 -18.04 -15.27
N TYR A 354 -7.45 -19.12 -14.99
CA TYR A 354 -7.33 -20.22 -15.92
C TYR A 354 -7.61 -21.54 -15.19
N SER A 355 -7.68 -22.61 -15.96
CA SER A 355 -8.07 -23.89 -15.45
C SER A 355 -7.35 -24.24 -14.14
N HIS A 356 -6.02 -24.20 -14.15
CA HIS A 356 -5.22 -24.62 -12.98
C HIS A 356 -4.41 -23.49 -12.29
N THR A 357 -4.63 -22.23 -12.68
CA THR A 357 -3.77 -21.16 -12.24
C THR A 357 -4.54 -19.84 -12.13
N ILE A 358 -4.15 -18.99 -11.18
CA ILE A 358 -4.74 -17.67 -11.00
C ILE A 358 -3.58 -16.72 -11.08
N VAL A 359 -3.63 -15.73 -11.97
CA VAL A 359 -2.59 -14.75 -12.09
C VAL A 359 -3.11 -13.49 -11.42
N ASP A 360 -2.41 -13.00 -10.38
CA ASP A 360 -2.76 -11.77 -9.68
C ASP A 360 -1.57 -10.78 -9.63
N GLU A 361 -1.45 -9.89 -10.61
CA GLU A 361 -0.31 -8.94 -10.72
C GLU A 361 -0.60 -7.50 -10.27
N ILE A 362 0.04 -7.03 -9.21
CA ILE A 362 -0.06 -5.62 -8.86
C ILE A 362 1.23 -4.93 -9.27
N GLN A 363 1.10 -3.68 -9.75
CA GLN A 363 2.21 -2.89 -10.26
C GLN A 363 2.06 -1.42 -9.94
N THR A 364 3.18 -0.72 -9.74
CA THR A 364 3.15 0.72 -9.49
C THR A 364 2.75 1.48 -10.74
N THR A 365 2.10 2.60 -10.52
CA THR A 365 1.73 3.54 -11.56
C THR A 365 2.25 4.93 -11.16
N LEU A 366 3.13 5.00 -10.15
CA LEU A 366 3.70 6.26 -9.71
C LEU A 366 5.21 6.31 -10.07
N ALA A 367 5.54 6.94 -11.20
CA ALA A 367 6.92 7.38 -11.53
C ALA A 367 7.88 6.28 -11.28
N PRO A 368 7.68 5.17 -11.95
CA PRO A 368 8.44 3.96 -11.71
C PRO A 368 9.95 4.07 -11.94
N ARG A 369 10.39 5.08 -12.68
CA ARG A 369 11.78 5.17 -13.05
C ARG A 369 12.59 6.04 -12.14
N ILE A 370 11.97 6.68 -11.13
CA ILE A 370 12.70 7.52 -10.17
C ILE A 370 12.81 6.89 -8.75
N LYS A 371 13.79 7.36 -7.97
CA LYS A 371 14.15 6.72 -6.74
C LYS A 371 13.19 7.12 -5.65
N ARG A 372 13.02 6.23 -4.69
CA ARG A 372 12.27 6.52 -3.52
C ARG A 372 13.24 7.04 -2.46
N ILE A 373 12.95 8.23 -1.92
CA ILE A 373 13.68 8.83 -0.83
C ILE A 373 12.82 8.83 0.47
N TYR A 374 13.40 8.45 1.60
CA TYR A 374 12.63 8.38 2.83
C TYR A 374 12.94 9.55 3.73
N THR A 375 11.90 10.26 4.17
CA THR A 375 12.06 11.40 5.10
C THR A 375 11.44 11.12 6.44
N GLY A 376 11.76 11.97 7.42
CA GLY A 376 11.15 11.93 8.77
C GLY A 376 11.99 11.22 9.81
N ASP A 377 11.66 11.47 11.09
CA ASP A 377 12.44 10.98 12.23
C ASP A 377 12.49 9.47 12.20
N LEU A 378 11.36 8.85 11.95
CA LEU A 378 11.34 7.38 11.84
C LEU A 378 12.35 6.86 10.80
N ALA A 379 12.45 7.57 9.68
CA ALA A 379 13.39 7.24 8.63
C ALA A 379 14.86 7.24 9.10
N GLU A 380 15.23 8.24 9.87
CA GLU A 380 16.55 8.39 10.52
C GLU A 380 16.80 7.14 11.39
N VAL A 381 15.85 6.87 12.29
CA VAL A 381 15.96 5.77 13.27
C VAL A 381 16.13 4.40 12.63
N ILE A 382 15.44 4.12 11.51
CA ILE A 382 15.58 2.79 10.88
C ILE A 382 16.74 2.70 9.87
N GLY A 383 17.45 3.80 9.68
CA GLY A 383 18.67 3.80 8.85
C GLY A 383 18.41 3.95 7.36
N ALA A 384 17.32 4.62 6.99
CA ALA A 384 16.91 4.75 5.59
C ALA A 384 17.02 6.19 5.11
N ASN A 385 17.37 7.13 6.00
CA ASN A 385 17.45 8.57 5.69
C ASN A 385 18.89 9.01 5.67
N TYR A 386 19.48 8.94 4.48
CA TYR A 386 20.86 9.38 4.19
C TYR A 386 20.78 10.83 3.67
S SO4 B . -6.41 -4.16 0.41
O1 SO4 B . -5.77 -3.35 -0.58
O2 SO4 B . -7.78 -4.50 0.08
O3 SO4 B . -5.76 -5.43 0.46
O4 SO4 B . -6.37 -3.34 1.61
S SO4 C . 7.83 7.65 -16.08
O1 SO4 C . 8.29 8.81 -16.88
O2 SO4 C . 7.84 6.59 -17.11
O3 SO4 C . 8.72 7.46 -14.86
O4 SO4 C . 6.47 7.90 -15.58
S SO4 D . 6.84 -8.08 -4.09
O1 SO4 D . 6.72 -7.45 -5.39
O2 SO4 D . 5.70 -8.98 -3.74
O3 SO4 D . 8.13 -8.76 -4.15
O4 SO4 D . 6.91 -6.98 -3.11
#